data_6W49
#
_entry.id   6W49
#
_cell.length_a   73.828
_cell.length_b   73.828
_cell.length_c   234.459
_cell.angle_alpha   90.000
_cell.angle_beta   90.000
_cell.angle_gamma   90.000
#
_symmetry.space_group_name_H-M   'P 43 21 2'
#
loop_
_entity.id
_entity.type
_entity.pdbx_description
1 polymer 'Malic enzyme'
2 non-polymer 'CITRIC ACID'
3 non-polymer '4-(2-HYDROXYETHYL)-1-PIPERAZINE ETHANESULFONIC ACID'
4 non-polymer ~{N}-[3-[(2-fluorophenyl)sulfamoyl]phenyl]pyrazine-2-carboxamide
5 water water
#
_entity_poly.entity_id   1
_entity_poly.type   'polypeptide(L)'
_entity_poly.pdbx_seq_one_letter_code
;QGRAILTDRYINRGTAFTMEERQKLHILGRLPPVVETLEEQVARVYGQVKKYEKPINRYQHLVSVHSTNTTLYYATILAH
LEEMLPIIYTPTVGEACMEYSHLFFRERGVYFNRLYKGQFRNIMRDAGYQKVEVVVITDGSRILGLGDLGSNGIGISIGK
CSLYVAGAGIDPRLIVPVILDVGTNNERYLQDKDYLGMREKRLGDEEFYELLDEFMEAASAEWPNAVIQFEDFSNNHCFD
IMERYQKKYRCFNDDIQGTGAVIAAGFLNAIKLSGVSPLQQRIVVFGAGSAAVGVANNIAALAARMYKFPVQDLVKTFYL
VDTKGLVTTTRGDQLAAHKKLLARTDVSAEDSAKLRTLEEIVRFVKPTTLLGLGGVGPAFTEEIVKMVMQNTERPIIFPL
SNPTSKAEVTPENAYKWTNGAAIVASGSPFPPTTIGGKTFKPSQGNNLYVFPGVGLGCALAQPTHIPEELLLTASESLNL
LTTEGDLREGRLYPPLEDIHNISANVATDVILEAQRMKIDNNKKLPRTRDELLAFVKKAMWKPVYSGEVGEQVL
;
_entity_poly.pdbx_strand_id   A
#
loop_
_chem_comp.id
_chem_comp.type
_chem_comp.name
_chem_comp.formula
CIT non-polymer 'CITRIC ACID' 'C6 H8 O7'
EPE non-polymer '4-(2-HYDROXYETHYL)-1-PIPERAZINE ETHANESULFONIC ACID' 'C8 H18 N2 O4 S'
SWV non-polymer ~{N}-[3-[(2-fluorophenyl)sulfamoyl]phenyl]pyrazine-2-carboxamide 'C17 H13 F N4 O3 S'
#
# COMPACT_ATOMS: atom_id res chain seq x y z
N ALA A 4 15.72 -23.06 24.98
CA ALA A 4 14.54 -23.13 24.03
C ALA A 4 13.84 -21.78 23.93
N ILE A 5 14.01 -20.91 24.92
CA ILE A 5 13.38 -19.56 24.83
C ILE A 5 14.35 -18.66 24.05
N LEU A 6 15.65 -18.74 24.32
CA LEU A 6 16.65 -17.88 23.63
C LEU A 6 16.59 -18.12 22.13
N THR A 7 16.38 -19.37 21.70
CA THR A 7 16.55 -19.77 20.29
C THR A 7 15.21 -19.70 19.55
N ASP A 8 14.15 -19.31 20.21
CA ASP A 8 12.82 -19.11 19.60
C ASP A 8 12.62 -17.61 19.41
N ARG A 9 12.69 -17.11 18.17
CA ARG A 9 12.70 -15.64 17.95
C ARG A 9 11.37 -15.03 18.42
N TYR A 10 10.28 -15.80 18.55
CA TYR A 10 8.95 -15.26 18.96
C TYR A 10 8.96 -14.96 20.46
N ILE A 11 9.72 -15.68 21.26
CA ILE A 11 9.63 -15.48 22.75
C ILE A 11 10.95 -14.92 23.27
N ASN A 12 12.05 -14.98 22.50
CA ASN A 12 13.37 -14.48 22.97
C ASN A 12 13.26 -12.99 23.34
N ARG A 13 13.83 -12.60 24.49
CA ARG A 13 13.92 -11.20 24.94
C ARG A 13 15.35 -10.69 24.91
N GLY A 14 16.36 -11.53 24.57
CA GLY A 14 17.74 -11.08 24.59
C GLY A 14 18.09 -10.42 25.93
N THR A 15 18.71 -9.26 25.88
CA THR A 15 19.21 -8.58 27.09
C THR A 15 18.07 -8.06 27.98
N ALA A 16 16.79 -8.13 27.56
CA ALA A 16 15.64 -7.70 28.40
C ALA A 16 15.26 -8.77 29.44
N PHE A 17 15.81 -9.97 29.37
CA PHE A 17 15.68 -10.92 30.48
C PHE A 17 16.38 -10.32 31.70
N THR A 18 15.66 -10.20 32.81
CA THR A 18 16.23 -9.69 34.07
C THR A 18 17.24 -10.68 34.63
N MET A 19 18.10 -10.24 35.56
CA MET A 19 19.01 -11.17 36.23
C MET A 19 18.21 -12.32 36.88
N GLU A 20 17.10 -12.01 37.58
CA GLU A 20 16.27 -13.06 38.28
C GLU A 20 15.73 -14.02 37.21
N GLU A 21 15.28 -13.51 36.08
CA GLU A 21 14.77 -14.38 35.01
C GLU A 21 15.89 -15.24 34.41
N ARG A 22 17.06 -14.65 34.17
CA ARG A 22 18.21 -15.42 33.64
C ARG A 22 18.55 -16.56 34.61
N GLN A 23 18.59 -16.30 35.92
CA GLN A 23 18.83 -17.30 37.02
C GLN A 23 17.79 -18.41 36.81
N LYS A 24 16.51 -18.05 36.78
CA LYS A 24 15.41 -19.04 36.78
C LYS A 24 15.40 -19.88 35.50
N LEU A 25 15.66 -19.27 34.34
CA LEU A 25 15.71 -19.93 33.03
C LEU A 25 17.06 -20.63 32.74
N HIS A 26 18.01 -20.55 33.65
CA HIS A 26 19.36 -21.15 33.52
C HIS A 26 20.03 -20.59 32.25
N ILE A 27 20.03 -19.26 32.06
CA ILE A 27 20.66 -18.60 30.86
C ILE A 27 21.63 -17.50 31.28
N LEU A 28 22.09 -17.44 32.53
CA LEU A 28 22.99 -16.37 33.00
C LEU A 28 24.23 -16.26 32.07
N GLY A 29 24.82 -17.39 31.75
CA GLY A 29 26.07 -17.33 30.97
C GLY A 29 25.81 -17.22 29.49
N ARG A 30 24.59 -17.03 29.04
CA ARG A 30 24.31 -17.04 27.58
C ARG A 30 24.27 -15.64 26.98
N LEU A 31 24.25 -14.64 27.84
CA LEU A 31 24.06 -13.21 27.50
C LEU A 31 25.15 -12.39 28.16
N PRO A 32 25.50 -11.22 27.57
CA PRO A 32 26.32 -10.24 28.28
C PRO A 32 25.49 -9.64 29.42
N PRO A 33 26.17 -9.15 30.47
CA PRO A 33 25.52 -8.88 31.76
C PRO A 33 24.55 -7.70 31.83
N VAL A 34 24.60 -6.77 30.89
CA VAL A 34 23.71 -5.58 30.90
C VAL A 34 22.28 -6.07 30.71
N VAL A 35 21.39 -5.53 31.54
CA VAL A 35 19.95 -5.73 31.41
C VAL A 35 19.33 -4.45 30.86
N GLU A 36 18.55 -4.58 29.78
CA GLU A 36 17.91 -3.44 29.10
C GLU A 36 16.40 -3.62 29.14
N THR A 37 15.69 -2.49 29.14
CA THR A 37 14.26 -2.45 28.79
C THR A 37 14.13 -2.62 27.29
N LEU A 38 12.91 -2.90 26.82
CA LEU A 38 12.66 -2.90 25.36
C LEU A 38 12.96 -1.55 24.75
N GLU A 39 12.56 -0.42 25.36
CA GLU A 39 12.91 0.87 24.72
C GLU A 39 14.42 1.06 24.61
N GLU A 40 15.16 0.64 25.62
CA GLU A 40 16.63 0.71 25.53
C GLU A 40 17.18 -0.18 24.41
N GLN A 41 16.62 -1.38 24.25
CA GLN A 41 17.08 -2.29 23.17
C GLN A 41 16.75 -1.61 21.82
N VAL A 42 15.56 -1.05 21.68
CA VAL A 42 15.17 -0.34 20.43
C VAL A 42 16.15 0.79 20.10
N ALA A 43 16.55 1.59 21.09
CA ALA A 43 17.53 2.68 20.87
C ALA A 43 18.87 2.12 20.42
N ARG A 44 19.26 0.98 20.96
CA ARG A 44 20.54 0.33 20.61
C ARG A 44 20.45 -0.19 19.19
N VAL A 45 19.36 -0.88 18.86
CA VAL A 45 19.18 -1.41 17.48
C VAL A 45 19.16 -0.24 16.50
N TYR A 46 18.45 0.84 16.80
CA TYR A 46 18.38 2.01 15.89
C TYR A 46 19.79 2.54 15.64
N GLY A 47 20.66 2.60 16.68
CA GLY A 47 22.07 2.97 16.43
C GLY A 47 22.82 1.96 15.58
N GLN A 48 22.58 0.68 15.76
CA GLN A 48 23.26 -0.41 15.01
C GLN A 48 22.85 -0.25 13.54
N VAL A 49 21.59 0.11 13.25
CA VAL A 49 21.07 0.30 11.85
C VAL A 49 21.80 1.48 11.18
N LYS A 50 21.86 2.60 11.87
CA LYS A 50 22.39 3.89 11.34
C LYS A 50 23.91 3.84 11.26
N LYS A 51 24.57 2.86 11.86
CA LYS A 51 26.02 2.63 11.63
C LYS A 51 26.23 2.27 10.16
N TYR A 52 25.25 1.65 9.50
CA TYR A 52 25.34 1.32 8.05
C TYR A 52 24.92 2.56 7.26
N GLU A 53 25.65 2.86 6.18
CA GLU A 53 25.28 3.99 5.27
C GLU A 53 24.27 3.51 4.23
N LYS A 54 24.42 2.32 3.66
CA LYS A 54 23.58 1.92 2.50
C LYS A 54 22.30 1.25 2.98
N PRO A 55 21.15 1.56 2.36
CA PRO A 55 19.88 0.91 2.70
C PRO A 55 19.96 -0.62 2.74
N ILE A 56 20.66 -1.22 1.79
CA ILE A 56 20.69 -2.70 1.73
C ILE A 56 21.39 -3.28 2.96
N ASN A 57 22.41 -2.60 3.45
CA ASN A 57 23.13 -3.07 4.65
C ASN A 57 22.27 -2.80 5.90
N ARG A 58 21.48 -1.74 5.96
CA ARG A 58 20.50 -1.47 7.05
C ARG A 58 19.48 -2.60 7.03
N TYR A 59 18.98 -2.94 5.85
CA TYR A 59 17.99 -4.02 5.69
C TYR A 59 18.53 -5.35 6.23
N GLN A 60 19.75 -5.67 5.82
CA GLN A 60 20.45 -6.90 6.23
C GLN A 60 20.57 -6.95 7.78
N HIS A 61 20.92 -5.84 8.39
CA HIS A 61 20.96 -5.74 9.87
C HIS A 61 19.59 -6.00 10.50
N LEU A 62 18.55 -5.38 9.95
CA LEU A 62 17.19 -5.62 10.49
C LEU A 62 16.78 -7.08 10.31
N VAL A 63 17.23 -7.75 9.25
CA VAL A 63 16.90 -9.19 9.04
C VAL A 63 17.52 -9.98 10.20
N SER A 64 18.75 -9.63 10.54
CA SER A 64 19.47 -10.29 11.65
C SER A 64 18.69 -10.13 12.97
N VAL A 65 18.21 -8.93 13.27
CA VAL A 65 17.36 -8.71 14.48
C VAL A 65 16.12 -9.59 14.42
N HIS A 66 15.36 -9.53 13.33
CA HIS A 66 14.11 -10.31 13.13
C HIS A 66 14.36 -11.81 13.32
N SER A 67 15.49 -12.33 12.85
CA SER A 67 15.77 -13.79 12.94
C SER A 67 16.05 -14.21 14.38
N THR A 68 16.41 -13.27 15.30
CA THR A 68 16.76 -13.59 16.69
C THR A 68 15.73 -13.11 17.71
N ASN A 69 15.17 -11.93 17.47
CA ASN A 69 14.27 -11.28 18.45
C ASN A 69 13.17 -10.58 17.67
N THR A 70 12.08 -11.31 17.38
CA THR A 70 10.99 -10.77 16.57
C THR A 70 10.32 -9.58 17.27
N THR A 71 10.14 -9.64 18.58
CA THR A 71 9.46 -8.53 19.32
C THR A 71 10.30 -7.25 19.16
N LEU A 72 11.63 -7.37 19.35
CA LEU A 72 12.56 -6.23 19.22
C LEU A 72 12.53 -5.69 17.79
N TYR A 73 12.49 -6.57 16.78
CA TYR A 73 12.42 -6.07 15.39
C TYR A 73 11.18 -5.14 15.25
N TYR A 74 10.00 -5.66 15.59
CA TYR A 74 8.73 -4.92 15.35
C TYR A 74 8.67 -3.70 16.27
N ALA A 75 9.24 -3.77 17.48
CA ALA A 75 9.28 -2.58 18.38
C ALA A 75 10.16 -1.50 17.73
N THR A 76 11.22 -1.88 17.02
CA THR A 76 12.16 -0.90 16.40
C THR A 76 11.44 -0.23 15.22
N ILE A 77 10.72 -1.02 14.42
CA ILE A 77 9.96 -0.47 13.26
C ILE A 77 8.92 0.52 13.81
N LEU A 78 8.17 0.16 14.86
CA LEU A 78 7.05 1.00 15.40
C LEU A 78 7.62 2.29 15.98
N ALA A 79 8.84 2.27 16.55
CA ALA A 79 9.42 3.49 17.13
C ALA A 79 10.00 4.42 16.06
N HIS A 80 10.32 3.93 14.87
CA HIS A 80 11.03 4.69 13.82
C HIS A 80 10.35 4.47 12.47
N LEU A 81 9.03 4.48 12.41
CA LEU A 81 8.30 3.88 11.25
C LEU A 81 8.62 4.63 9.96
N GLU A 82 8.42 5.94 9.95
CA GLU A 82 8.62 6.75 8.72
C GLU A 82 10.02 6.49 8.18
N GLU A 83 11.02 6.47 9.06
CA GLU A 83 12.42 6.29 8.63
C GLU A 83 12.67 4.85 8.17
N MET A 84 12.08 3.83 8.80
CA MET A 84 12.35 2.41 8.47
C MET A 84 11.55 1.95 7.24
N LEU A 85 10.45 2.58 6.91
CA LEU A 85 9.59 2.11 5.80
C LEU A 85 10.34 1.97 4.47
N PRO A 86 11.16 2.96 4.04
CA PRO A 86 11.91 2.83 2.78
C PRO A 86 12.96 1.71 2.78
N ILE A 87 13.33 1.22 3.97
CA ILE A 87 14.33 0.14 4.12
C ILE A 87 13.62 -1.19 4.08
N ILE A 88 12.51 -1.30 4.80
CA ILE A 88 11.87 -2.63 5.03
C ILE A 88 10.91 -2.90 3.88
N TYR A 89 10.56 -1.92 3.07
CA TYR A 89 9.72 -2.21 1.89
C TYR A 89 10.23 -1.38 0.73
N THR A 90 9.35 -0.86 -0.12
CA THR A 90 9.76 -0.15 -1.36
C THR A 90 10.62 1.06 -0.99
N PRO A 91 11.76 1.35 -1.65
CA PRO A 91 12.33 0.56 -2.75
C PRO A 91 13.42 -0.46 -2.36
N THR A 92 13.80 -0.55 -1.10
CA THR A 92 14.95 -1.39 -0.71
C THR A 92 14.62 -2.87 -0.87
N VAL A 93 13.39 -3.28 -0.57
CA VAL A 93 13.07 -4.74 -0.57
C VAL A 93 13.22 -5.27 -2.01
N GLY A 94 12.88 -4.49 -3.02
CA GLY A 94 13.01 -4.92 -4.42
C GLY A 94 14.48 -5.07 -4.80
N GLU A 95 15.34 -4.16 -4.35
CA GLU A 95 16.80 -4.29 -4.59
C GLU A 95 17.34 -5.50 -3.85
N ALA A 96 16.85 -5.80 -2.65
CA ALA A 96 17.23 -7.02 -1.91
C ALA A 96 16.83 -8.25 -2.72
N CYS A 97 15.61 -8.28 -3.25
CA CYS A 97 15.14 -9.42 -4.04
C CYS A 97 16.03 -9.59 -5.27
N MET A 98 16.33 -8.47 -5.93
CA MET A 98 16.89 -8.54 -7.30
C MET A 98 18.33 -9.06 -7.18
N GLU A 99 19.10 -8.62 -6.18
CA GLU A 99 20.58 -8.81 -6.13
C GLU A 99 21.06 -9.52 -4.86
N TYR A 100 20.23 -9.60 -3.81
CA TYR A 100 20.58 -10.15 -2.49
C TYR A 100 19.53 -11.15 -2.02
N SER A 101 18.99 -11.96 -2.93
CA SER A 101 17.85 -12.85 -2.58
C SER A 101 18.15 -13.80 -1.42
N HIS A 102 19.42 -14.08 -1.12
CA HIS A 102 19.81 -14.93 0.03
C HIS A 102 19.30 -14.33 1.35
N LEU A 103 19.00 -13.04 1.39
CA LEU A 103 18.53 -12.42 2.66
C LEU A 103 17.22 -13.06 3.11
N PHE A 104 16.49 -13.69 2.19
CA PHE A 104 15.13 -14.24 2.45
C PHE A 104 15.10 -15.75 2.65
N PHE A 105 16.24 -16.47 2.49
CA PHE A 105 16.23 -17.93 2.45
C PHE A 105 15.72 -18.53 3.76
N ARG A 106 16.14 -17.99 4.89
CA ARG A 106 15.80 -18.56 6.22
C ARG A 106 14.36 -18.21 6.65
N GLU A 107 13.72 -17.27 5.99
CA GLU A 107 12.34 -16.85 6.34
C GLU A 107 11.30 -17.86 5.91
N ARG A 108 10.10 -17.66 6.42
CA ARG A 108 8.99 -18.50 6.02
C ARG A 108 8.84 -17.95 4.60
N GLY A 109 8.57 -18.83 3.73
CA GLY A 109 8.18 -18.57 2.35
C GLY A 109 7.59 -19.89 1.92
N VAL A 110 6.48 -19.86 1.21
CA VAL A 110 5.86 -21.04 0.61
C VAL A 110 5.97 -20.83 -0.89
N TYR A 111 6.55 -21.81 -1.56
CA TYR A 111 6.92 -21.77 -2.97
C TYR A 111 6.01 -22.74 -3.73
N PHE A 112 5.35 -22.28 -4.77
CA PHE A 112 4.52 -23.07 -5.69
C PHE A 112 5.04 -22.89 -7.12
N ASN A 113 4.80 -23.90 -7.95
CA ASN A 113 5.18 -23.86 -9.38
C ASN A 113 4.48 -25.02 -10.07
N ARG A 114 4.65 -25.12 -11.36
CA ARG A 114 3.92 -26.14 -12.15
C ARG A 114 4.37 -27.58 -11.78
N LEU A 115 5.56 -27.76 -11.26
CA LEU A 115 6.07 -29.10 -10.87
C LEU A 115 5.18 -29.69 -9.79
N TYR A 116 4.48 -28.84 -9.02
CA TYR A 116 3.70 -29.28 -7.84
C TYR A 116 2.21 -29.29 -8.16
N LYS A 117 1.84 -29.17 -9.43
CA LYS A 117 0.41 -29.16 -9.81
C LYS A 117 -0.29 -30.35 -9.14
N GLY A 118 -1.39 -30.05 -8.46
CA GLY A 118 -2.29 -31.00 -7.79
C GLY A 118 -1.88 -31.26 -6.37
N GLN A 119 -0.70 -30.76 -5.94
CA GLN A 119 -0.16 -30.96 -4.57
C GLN A 119 -0.27 -29.65 -3.77
N PHE A 120 -0.90 -28.60 -4.30
CA PHE A 120 -0.84 -27.27 -3.61
C PHE A 120 -1.43 -27.40 -2.21
N ARG A 121 -2.57 -28.06 -2.06
CA ARG A 121 -3.19 -28.19 -0.71
C ARG A 121 -2.25 -28.95 0.24
N ASN A 122 -1.61 -30.03 -0.21
CA ASN A 122 -0.62 -30.82 0.57
C ASN A 122 0.53 -29.92 1.04
N ILE A 123 1.07 -29.10 0.14
CA ILE A 123 2.14 -28.14 0.49
C ILE A 123 1.67 -27.17 1.58
N MET A 124 0.46 -26.68 1.48
CA MET A 124 -0.05 -25.75 2.52
C MET A 124 -0.18 -26.49 3.86
N ARG A 125 -0.80 -27.67 3.87
CA ARG A 125 -0.94 -28.52 5.09
C ARG A 125 0.45 -28.76 5.71
N ASP A 126 1.44 -29.06 4.85
CA ASP A 126 2.83 -29.36 5.26
C ASP A 126 3.46 -28.16 5.96
N ALA A 127 3.05 -26.93 5.66
CA ALA A 127 3.65 -25.69 6.21
C ALA A 127 3.43 -25.62 7.73
N GLY A 128 2.37 -26.25 8.23
CA GLY A 128 2.14 -26.48 9.67
C GLY A 128 1.84 -25.17 10.39
N TYR A 129 1.05 -24.30 9.74
CA TYR A 129 0.61 -23.04 10.40
C TYR A 129 -0.74 -23.31 11.06
N GLN A 130 -1.11 -22.53 12.06
CA GLN A 130 -2.46 -22.68 12.66
C GLN A 130 -3.41 -21.72 11.92
N LYS A 131 -4.12 -20.86 12.62
CA LYS A 131 -5.27 -20.18 12.01
C LYS A 131 -4.74 -18.94 11.30
N VAL A 132 -4.11 -19.20 10.14
CA VAL A 132 -3.53 -18.16 9.25
C VAL A 132 -4.57 -17.07 8.99
N GLU A 133 -4.11 -15.82 9.08
CA GLU A 133 -5.00 -14.64 8.91
C GLU A 133 -4.73 -13.90 7.63
N VAL A 134 -3.47 -13.82 7.21
CA VAL A 134 -3.11 -13.01 6.02
C VAL A 134 -2.10 -13.81 5.19
N VAL A 135 -2.37 -13.90 3.91
CA VAL A 135 -1.45 -14.57 2.96
C VAL A 135 -1.14 -13.52 1.90
N VAL A 136 0.11 -13.16 1.72
CA VAL A 136 0.48 -12.28 0.59
C VAL A 136 1.11 -13.15 -0.51
N ILE A 137 0.55 -13.06 -1.72
CA ILE A 137 1.09 -13.83 -2.88
C ILE A 137 1.50 -12.86 -3.99
N THR A 138 2.63 -13.18 -4.60
CA THR A 138 3.10 -12.52 -5.82
C THR A 138 3.60 -13.62 -6.77
N ASP A 139 3.78 -13.24 -8.04
CA ASP A 139 4.51 -14.08 -9.04
C ASP A 139 5.81 -13.37 -9.44
N GLY A 140 6.15 -12.21 -8.88
CA GLY A 140 7.40 -11.50 -9.19
C GLY A 140 7.32 -10.73 -10.51
N SER A 141 6.16 -10.63 -11.15
CA SER A 141 6.00 -9.97 -12.48
C SER A 141 6.15 -8.44 -12.43
N ARG A 142 5.82 -7.79 -11.31
CA ARG A 142 6.00 -6.36 -10.88
C ARG A 142 4.77 -5.58 -11.36
N ILE A 143 4.05 -4.90 -10.46
CA ILE A 143 2.97 -3.95 -10.86
C ILE A 143 3.53 -2.94 -11.87
N LEU A 144 4.73 -2.40 -11.65
CA LEU A 144 5.25 -1.26 -12.49
C LEU A 144 6.00 -1.83 -13.71
N GLY A 145 6.13 -3.16 -13.79
CA GLY A 145 6.64 -3.93 -14.94
C GLY A 145 8.15 -3.77 -15.11
N LEU A 146 8.85 -3.22 -14.10
CA LEU A 146 10.33 -3.03 -14.10
C LEU A 146 10.98 -4.10 -13.20
N GLY A 147 12.01 -4.79 -13.68
CA GLY A 147 12.79 -5.71 -12.85
C GLY A 147 11.97 -6.95 -12.47
N ASP A 148 11.49 -7.72 -13.45
CA ASP A 148 10.91 -9.09 -13.23
C ASP A 148 11.80 -9.83 -12.22
N LEU A 149 11.25 -10.28 -11.10
CA LEU A 149 12.06 -10.94 -10.03
C LEU A 149 11.88 -12.45 -10.05
N GLY A 150 10.92 -12.99 -10.82
CA GLY A 150 10.64 -14.43 -10.81
C GLY A 150 10.48 -14.93 -9.38
N SER A 151 11.11 -16.05 -9.07
CA SER A 151 11.10 -16.74 -7.75
C SER A 151 11.60 -15.77 -6.67
N ASN A 152 12.50 -14.83 -6.99
CA ASN A 152 13.07 -13.89 -5.99
C ASN A 152 11.98 -12.89 -5.53
N GLY A 153 10.83 -12.88 -6.16
CA GLY A 153 9.64 -12.12 -5.67
C GLY A 153 9.14 -12.57 -4.29
N ILE A 154 9.61 -13.72 -3.79
CA ILE A 154 9.24 -14.19 -2.42
C ILE A 154 9.56 -13.11 -1.38
N GLY A 155 10.60 -12.31 -1.58
CA GLY A 155 11.02 -11.26 -0.64
C GLY A 155 10.00 -10.11 -0.57
N ILE A 156 9.34 -9.84 -1.67
CA ILE A 156 8.20 -8.88 -1.74
C ILE A 156 7.07 -9.37 -0.82
N SER A 157 6.69 -10.64 -0.95
CA SER A 157 5.63 -11.20 -0.08
C SER A 157 6.05 -11.16 1.40
N ILE A 158 7.31 -11.50 1.68
CA ILE A 158 7.85 -11.47 3.05
C ILE A 158 7.77 -10.06 3.62
N GLY A 159 8.23 -9.06 2.88
CA GLY A 159 8.21 -7.66 3.31
C GLY A 159 6.80 -7.16 3.53
N LYS A 160 5.87 -7.51 2.64
CA LYS A 160 4.47 -7.05 2.76
C LYS A 160 3.80 -7.69 3.99
N CYS A 161 4.01 -8.97 4.20
CA CYS A 161 3.51 -9.68 5.40
C CYS A 161 3.93 -8.91 6.66
N SER A 162 5.20 -8.54 6.72
CA SER A 162 5.80 -7.83 7.86
C SER A 162 5.05 -6.51 8.08
N LEU A 163 4.59 -5.83 7.03
CA LEU A 163 3.86 -4.56 7.21
C LEU A 163 2.48 -4.80 7.85
N TYR A 164 1.82 -5.94 7.62
CA TYR A 164 0.54 -6.25 8.30
C TYR A 164 0.78 -6.39 9.79
N VAL A 165 1.87 -7.06 10.17
CA VAL A 165 2.24 -7.18 11.59
C VAL A 165 2.51 -5.80 12.18
N ALA A 166 3.37 -5.00 11.57
CA ALA A 166 3.77 -3.68 12.12
C ALA A 166 2.53 -2.77 12.13
N GLY A 167 1.77 -2.75 11.01
CA GLY A 167 0.69 -1.76 10.83
C GLY A 167 -0.56 -2.05 11.63
N ALA A 168 -0.96 -3.32 11.75
CA ALA A 168 -2.26 -3.68 12.30
C ALA A 168 -2.14 -4.77 13.37
N GLY A 169 -0.94 -5.14 13.80
CA GLY A 169 -0.87 -6.14 14.89
C GLY A 169 -1.48 -7.48 14.46
N ILE A 170 -1.32 -7.91 13.19
CA ILE A 170 -1.49 -9.31 12.80
C ILE A 170 -0.34 -10.04 13.51
N ASP A 171 -0.67 -11.08 14.28
CA ASP A 171 0.32 -11.90 14.96
C ASP A 171 1.29 -12.42 13.91
N PRO A 172 2.62 -12.24 14.12
CA PRO A 172 3.62 -12.65 13.13
C PRO A 172 3.64 -14.17 12.89
N ARG A 173 3.06 -14.99 13.78
CA ARG A 173 2.87 -16.42 13.50
C ARG A 173 1.72 -16.70 12.53
N LEU A 174 0.87 -15.72 12.22
CA LEU A 174 -0.36 -15.97 11.45
C LEU A 174 -0.30 -15.28 10.08
N ILE A 175 0.91 -14.96 9.61
CA ILE A 175 1.11 -14.36 8.25
C ILE A 175 1.89 -15.37 7.42
N VAL A 176 1.53 -15.52 6.16
CA VAL A 176 2.22 -16.50 5.27
C VAL A 176 2.61 -15.81 3.97
N PRO A 177 3.93 -15.73 3.66
CA PRO A 177 4.33 -15.15 2.38
C PRO A 177 4.43 -16.23 1.31
N VAL A 178 3.89 -15.97 0.12
CA VAL A 178 3.83 -16.95 -0.99
C VAL A 178 4.45 -16.38 -2.26
N ILE A 179 5.24 -17.23 -2.95
CA ILE A 179 5.66 -17.00 -4.35
C ILE A 179 5.00 -18.08 -5.21
N LEU A 180 4.26 -17.63 -6.22
CA LEU A 180 3.77 -18.48 -7.32
C LEU A 180 4.73 -18.27 -8.48
N ASP A 181 5.64 -19.23 -8.64
CA ASP A 181 6.71 -19.13 -9.65
C ASP A 181 6.11 -19.76 -10.91
N VAL A 182 5.72 -18.88 -11.83
CA VAL A 182 5.20 -19.26 -13.17
C VAL A 182 6.23 -18.85 -14.22
N GLY A 183 7.51 -18.83 -13.85
CA GLY A 183 8.60 -18.48 -14.78
C GLY A 183 9.06 -17.05 -14.62
N THR A 184 9.94 -16.59 -15.49
CA THR A 184 10.49 -15.23 -15.41
C THR A 184 10.87 -14.85 -16.82
N ASN A 185 10.65 -13.59 -17.18
CA ASN A 185 11.16 -13.03 -18.46
C ASN A 185 12.47 -12.28 -18.21
N ASN A 186 12.98 -12.31 -16.99
CA ASN A 186 14.27 -11.68 -16.62
C ASN A 186 15.40 -12.45 -17.33
N GLU A 187 15.96 -11.89 -18.40
CA GLU A 187 16.99 -12.58 -19.22
C GLU A 187 18.25 -12.85 -18.40
N ARG A 188 18.68 -11.96 -17.54
CA ARG A 188 19.83 -12.21 -16.65
C ARG A 188 19.55 -13.49 -15.84
N TYR A 189 18.38 -13.56 -15.22
CA TYR A 189 18.05 -14.75 -14.37
C TYR A 189 18.02 -16.01 -15.25
N LEU A 190 17.46 -15.92 -16.45
CA LEU A 190 17.27 -17.14 -17.29
C LEU A 190 18.65 -17.73 -17.62
N GLN A 191 19.70 -16.91 -17.60
CA GLN A 191 21.08 -17.37 -17.90
C GLN A 191 21.94 -17.55 -16.64
N ASP A 192 21.42 -17.19 -15.46
CA ASP A 192 22.22 -17.15 -14.22
C ASP A 192 22.30 -18.53 -13.57
N LYS A 193 23.50 -19.07 -13.52
CA LYS A 193 23.74 -20.39 -12.92
C LYS A 193 23.20 -20.45 -11.49
N ASP A 194 23.08 -19.32 -10.81
CA ASP A 194 22.69 -19.31 -9.38
C ASP A 194 21.22 -18.95 -9.19
N TYR A 195 20.44 -18.75 -10.25
CA TYR A 195 18.99 -18.56 -10.13
C TYR A 195 18.35 -19.89 -9.72
N LEU A 196 17.52 -19.88 -8.67
CA LEU A 196 17.03 -21.12 -8.02
C LEU A 196 15.57 -21.37 -8.40
N GLY A 197 14.97 -20.51 -9.20
CA GLY A 197 13.58 -20.68 -9.60
C GLY A 197 13.39 -21.48 -10.86
N MET A 198 12.15 -21.46 -11.37
CA MET A 198 11.81 -22.14 -12.63
C MET A 198 12.52 -21.45 -13.78
N ARG A 199 13.46 -22.16 -14.43
CA ARG A 199 14.26 -21.51 -15.49
C ARG A 199 13.52 -21.59 -16.83
N GLU A 200 12.51 -20.77 -16.96
CA GLU A 200 11.64 -20.76 -18.15
C GLU A 200 10.92 -19.44 -18.20
N LYS A 201 10.60 -19.01 -19.42
CA LYS A 201 9.80 -17.79 -19.65
C LYS A 201 8.43 -17.98 -19.02
N ARG A 202 7.75 -16.86 -18.75
CA ARG A 202 6.47 -16.90 -18.03
C ARG A 202 5.45 -17.70 -18.82
N LEU A 203 4.75 -18.56 -18.11
CA LEU A 203 3.68 -19.41 -18.65
C LEU A 203 2.60 -18.52 -19.26
N GLY A 204 1.94 -19.05 -20.28
CA GLY A 204 0.78 -18.39 -20.89
C GLY A 204 -0.41 -18.36 -19.93
N ASP A 205 -1.44 -17.63 -20.33
CA ASP A 205 -2.56 -17.28 -19.42
C ASP A 205 -3.29 -18.52 -18.98
N GLU A 206 -3.52 -19.47 -19.89
CA GLU A 206 -4.35 -20.64 -19.57
C GLU A 206 -3.67 -21.42 -18.44
N GLU A 207 -2.38 -21.68 -18.54
CA GLU A 207 -1.66 -22.46 -17.49
C GLU A 207 -1.54 -21.60 -16.20
N PHE A 208 -1.30 -20.33 -16.37
CA PHE A 208 -1.16 -19.35 -15.25
C PHE A 208 -2.40 -19.46 -14.38
N TYR A 209 -3.58 -19.40 -15.00
CA TYR A 209 -4.87 -19.46 -14.26
C TYR A 209 -5.12 -20.88 -13.75
N GLU A 210 -4.69 -21.95 -14.45
CA GLU A 210 -4.83 -23.30 -13.89
C GLU A 210 -4.15 -23.36 -12.51
N LEU A 211 -2.94 -22.85 -12.44
CA LEU A 211 -2.17 -22.95 -11.18
C LEU A 211 -2.73 -21.97 -10.13
N LEU A 212 -3.03 -20.73 -10.52
CA LEU A 212 -3.56 -19.73 -9.57
C LEU A 212 -4.94 -20.16 -9.07
N ASP A 213 -5.78 -20.76 -9.94
CA ASP A 213 -7.04 -21.35 -9.46
C ASP A 213 -6.78 -22.42 -8.40
N GLU A 214 -5.84 -23.35 -8.61
CA GLU A 214 -5.53 -24.40 -7.61
C GLU A 214 -5.07 -23.71 -6.34
N PHE A 215 -4.28 -22.65 -6.44
CA PHE A 215 -3.78 -21.94 -5.24
C PHE A 215 -4.96 -21.38 -4.44
N MET A 216 -5.89 -20.73 -5.11
CA MET A 216 -7.01 -20.03 -4.42
C MET A 216 -7.88 -21.11 -3.75
N GLU A 217 -8.15 -22.19 -4.47
CA GLU A 217 -9.04 -23.25 -3.95
C GLU A 217 -8.34 -23.95 -2.78
N ALA A 218 -7.06 -24.29 -2.92
CA ALA A 218 -6.28 -24.91 -1.84
C ALA A 218 -6.25 -23.99 -0.62
N ALA A 219 -5.97 -22.70 -0.81
CA ALA A 219 -5.90 -21.77 0.34
C ALA A 219 -7.27 -21.61 1.02
N SER A 220 -8.33 -21.57 0.27
CA SER A 220 -9.72 -21.48 0.82
C SER A 220 -10.03 -22.69 1.69
N ALA A 221 -9.42 -23.83 1.41
CA ALA A 221 -9.65 -25.07 2.19
C ALA A 221 -8.71 -25.18 3.39
N GLU A 222 -7.42 -24.92 3.20
CA GLU A 222 -6.38 -25.18 4.23
C GLU A 222 -6.20 -23.97 5.15
N TRP A 223 -6.39 -22.77 4.61
CA TRP A 223 -6.21 -21.49 5.35
C TRP A 223 -7.55 -20.75 5.26
N PRO A 224 -8.64 -21.37 5.73
CA PRO A 224 -9.97 -20.76 5.53
C PRO A 224 -10.18 -19.40 6.22
N ASN A 225 -9.37 -19.08 7.21
CA ASN A 225 -9.53 -17.89 8.07
C ASN A 225 -8.76 -16.74 7.39
N ALA A 226 -8.08 -17.00 6.27
CA ALA A 226 -7.12 -16.00 5.76
C ALA A 226 -7.76 -15.06 4.72
N VAL A 227 -7.20 -13.87 4.64
CA VAL A 227 -7.34 -12.91 3.51
C VAL A 227 -6.19 -13.19 2.57
N ILE A 228 -6.48 -13.33 1.28
CA ILE A 228 -5.46 -13.51 0.23
C ILE A 228 -5.23 -12.15 -0.39
N GLN A 229 -4.01 -11.64 -0.31
CA GLN A 229 -3.73 -10.30 -0.87
C GLN A 229 -2.71 -10.47 -2.00
N PHE A 230 -3.12 -10.09 -3.21
CA PHE A 230 -2.25 -10.08 -4.40
C PHE A 230 -1.36 -8.85 -4.37
N GLU A 231 -0.04 -9.06 -4.48
CA GLU A 231 0.96 -7.99 -4.41
C GLU A 231 1.85 -8.04 -5.65
N ASP A 232 1.99 -6.92 -6.35
CA ASP A 232 3.06 -6.75 -7.37
C ASP A 232 2.88 -7.73 -8.52
N PHE A 233 1.64 -7.91 -8.97
CA PHE A 233 1.31 -8.59 -10.23
C PHE A 233 1.26 -7.53 -11.34
N SER A 234 1.79 -7.89 -12.48
CA SER A 234 1.81 -7.06 -13.71
C SER A 234 0.38 -6.75 -14.16
N ASN A 235 0.27 -5.68 -14.94
CA ASN A 235 -1.03 -5.13 -15.42
C ASN A 235 -1.73 -6.11 -16.36
N ASN A 236 -1.05 -7.00 -17.07
CA ASN A 236 -1.73 -8.01 -17.93
C ASN A 236 -2.62 -8.95 -17.08
N HIS A 237 -2.37 -9.08 -15.78
CA HIS A 237 -3.10 -10.02 -14.90
C HIS A 237 -3.79 -9.36 -13.70
N CYS A 238 -3.31 -8.26 -13.15
CA CYS A 238 -3.73 -7.87 -11.78
C CYS A 238 -5.22 -7.51 -11.77
N PHE A 239 -5.73 -6.81 -12.80
CA PHE A 239 -7.16 -6.44 -12.91
C PHE A 239 -7.98 -7.70 -13.17
N ASP A 240 -7.53 -8.58 -14.07
CA ASP A 240 -8.28 -9.81 -14.42
C ASP A 240 -8.32 -10.76 -13.22
N ILE A 241 -7.29 -10.79 -12.37
CA ILE A 241 -7.29 -11.71 -11.20
C ILE A 241 -8.45 -11.30 -10.29
N MET A 242 -8.57 -10.01 -10.06
CA MET A 242 -9.65 -9.51 -9.15
C MET A 242 -11.01 -9.79 -9.78
N GLU A 243 -11.16 -9.62 -11.09
CA GLU A 243 -12.47 -9.94 -11.72
C GLU A 243 -12.75 -11.43 -11.53
N ARG A 244 -11.73 -12.27 -11.57
CA ARG A 244 -11.90 -13.74 -11.50
C ARG A 244 -12.28 -14.19 -10.10
N TYR A 245 -11.70 -13.56 -9.06
CA TYR A 245 -11.75 -14.12 -7.69
C TYR A 245 -12.53 -13.26 -6.68
N GLN A 246 -12.83 -12.00 -6.96
CA GLN A 246 -13.27 -11.07 -5.89
C GLN A 246 -14.53 -11.62 -5.20
N LYS A 247 -15.48 -12.17 -5.96
CA LYS A 247 -16.73 -12.69 -5.33
C LYS A 247 -16.58 -14.06 -4.68
N LYS A 248 -15.70 -14.93 -5.18
CA LYS A 248 -15.64 -16.35 -4.77
C LYS A 248 -14.69 -16.59 -3.61
N TYR A 249 -13.76 -15.69 -3.38
CA TYR A 249 -12.69 -15.88 -2.36
C TYR A 249 -12.50 -14.60 -1.53
N ARG A 250 -11.88 -14.70 -0.36
CA ARG A 250 -11.62 -13.51 0.48
C ARG A 250 -10.29 -12.92 0.03
N CYS A 251 -10.33 -11.95 -0.86
CA CYS A 251 -9.12 -11.47 -1.53
C CYS A 251 -9.22 -10.00 -1.93
N PHE A 252 -8.07 -9.36 -2.07
CA PHE A 252 -7.94 -7.99 -2.59
C PHE A 252 -6.54 -7.80 -3.12
N ASN A 253 -6.41 -6.76 -3.92
CA ASN A 253 -5.12 -6.31 -4.49
C ASN A 253 -4.79 -4.92 -3.95
N ASP A 254 -3.72 -4.81 -3.17
CA ASP A 254 -3.36 -3.52 -2.56
C ASP A 254 -2.97 -2.48 -3.62
N ASP A 255 -2.17 -2.85 -4.60
CA ASP A 255 -1.71 -1.91 -5.64
C ASP A 255 -2.93 -1.19 -6.27
N ILE A 256 -3.98 -1.94 -6.56
CA ILE A 256 -5.18 -1.39 -7.23
C ILE A 256 -6.08 -0.74 -6.16
N GLN A 257 -6.56 -1.54 -5.23
CA GLN A 257 -7.68 -1.12 -4.35
C GLN A 257 -7.16 -0.28 -3.19
N GLY A 258 -6.01 -0.65 -2.60
CA GLY A 258 -5.42 0.09 -1.48
C GLY A 258 -5.02 1.49 -1.89
N THR A 259 -4.32 1.59 -3.01
CA THR A 259 -3.87 2.88 -3.53
C THR A 259 -5.06 3.83 -3.74
N GLY A 260 -6.10 3.40 -4.42
CA GLY A 260 -7.25 4.30 -4.69
C GLY A 260 -7.93 4.71 -3.38
N ALA A 261 -8.05 3.81 -2.41
CA ALA A 261 -8.68 4.14 -1.12
C ALA A 261 -7.84 5.23 -0.41
N VAL A 262 -6.53 5.11 -0.41
CA VAL A 262 -5.64 6.06 0.33
C VAL A 262 -5.61 7.42 -0.37
N ILE A 263 -5.48 7.41 -1.69
CA ILE A 263 -5.42 8.70 -2.43
C ILE A 263 -6.80 9.39 -2.30
N ALA A 264 -7.92 8.65 -2.43
CA ALA A 264 -9.26 9.27 -2.31
C ALA A 264 -9.42 9.94 -0.95
N ALA A 265 -9.01 9.28 0.13
CA ALA A 265 -9.14 9.85 1.50
C ALA A 265 -8.37 11.17 1.59
N GLY A 266 -7.13 11.19 1.14
CA GLY A 266 -6.28 12.37 1.24
C GLY A 266 -6.79 13.48 0.34
N PHE A 267 -7.25 13.15 -0.84
CA PHE A 267 -7.73 14.14 -1.81
C PHE A 267 -8.98 14.83 -1.25
N LEU A 268 -9.91 14.10 -0.64
CA LEU A 268 -11.11 14.76 -0.09
C LEU A 268 -10.72 15.69 1.07
N ASN A 269 -9.69 15.38 1.85
CA ASN A 269 -9.20 16.33 2.86
C ASN A 269 -8.52 17.54 2.22
N ALA A 270 -7.82 17.38 1.12
CA ALA A 270 -7.25 18.52 0.36
C ALA A 270 -8.40 19.42 -0.15
N ILE A 271 -9.51 18.83 -0.60
CA ILE A 271 -10.67 19.65 -1.03
C ILE A 271 -11.14 20.48 0.16
N LYS A 272 -11.29 19.85 1.32
CA LYS A 272 -11.78 20.60 2.49
C LYS A 272 -10.89 21.77 2.81
N LEU A 273 -9.56 21.57 2.76
CA LEU A 273 -8.60 22.65 3.10
C LEU A 273 -8.59 23.73 2.01
N SER A 274 -8.92 23.39 0.79
CA SER A 274 -8.63 24.25 -0.39
C SER A 274 -9.61 25.43 -0.49
N GLY A 275 -10.78 25.39 0.13
CA GLY A 275 -11.77 26.44 -0.12
C GLY A 275 -12.61 26.23 -1.37
N VAL A 276 -12.34 25.17 -2.15
CA VAL A 276 -13.09 24.87 -3.40
C VAL A 276 -13.73 23.51 -3.21
N SER A 277 -15.04 23.50 -3.03
CA SER A 277 -15.82 22.29 -2.65
C SER A 277 -15.87 21.30 -3.81
N PRO A 278 -16.24 20.03 -3.56
CA PRO A 278 -16.09 19.00 -4.56
C PRO A 278 -16.72 19.34 -5.91
N LEU A 279 -17.93 19.92 -5.92
CA LEU A 279 -18.56 20.19 -7.23
C LEU A 279 -17.96 21.42 -7.91
N GLN A 280 -17.19 22.23 -7.21
CA GLN A 280 -16.51 23.39 -7.81
C GLN A 280 -15.10 23.00 -8.27
N GLN A 281 -14.59 21.83 -7.90
CA GLN A 281 -13.21 21.41 -8.31
C GLN A 281 -13.21 21.14 -9.82
N ARG A 282 -12.10 21.52 -10.47
CA ARG A 282 -11.82 21.13 -11.87
C ARG A 282 -10.45 20.43 -11.82
N ILE A 283 -10.51 19.13 -12.03
CA ILE A 283 -9.42 18.18 -11.70
C ILE A 283 -8.81 17.71 -13.02
N VAL A 284 -7.57 18.09 -13.26
CA VAL A 284 -6.77 17.45 -14.34
C VAL A 284 -6.18 16.15 -13.82
N VAL A 285 -6.55 15.08 -14.49
CA VAL A 285 -6.01 13.74 -14.25
C VAL A 285 -4.95 13.55 -15.32
N PHE A 286 -3.70 13.76 -14.96
CA PHE A 286 -2.56 13.60 -15.90
C PHE A 286 -2.11 12.15 -15.89
N GLY A 287 -2.48 11.37 -16.92
CA GLY A 287 -2.28 9.92 -16.97
C GLY A 287 -3.63 9.25 -17.03
N ALA A 288 -3.78 8.29 -17.96
CA ALA A 288 -5.08 7.72 -18.34
C ALA A 288 -4.98 6.20 -18.40
N GLY A 289 -4.02 5.60 -17.66
CA GLY A 289 -3.97 4.17 -17.43
C GLY A 289 -5.16 3.68 -16.64
N SER A 290 -5.37 2.36 -16.59
CA SER A 290 -6.48 1.75 -15.81
C SER A 290 -6.36 2.18 -14.34
N ALA A 291 -5.15 2.18 -13.78
CA ALA A 291 -4.93 2.56 -12.36
C ALA A 291 -5.37 4.02 -12.16
N ALA A 292 -4.98 4.92 -13.06
CA ALA A 292 -5.21 6.37 -12.92
C ALA A 292 -6.73 6.63 -12.95
N VAL A 293 -7.42 5.97 -13.87
CA VAL A 293 -8.91 6.09 -13.94
C VAL A 293 -9.56 5.45 -12.69
N GLY A 294 -9.02 4.34 -12.17
CA GLY A 294 -9.48 3.75 -10.90
C GLY A 294 -9.39 4.74 -9.76
N VAL A 295 -8.32 5.49 -9.67
CA VAL A 295 -8.14 6.49 -8.57
C VAL A 295 -9.21 7.58 -8.74
N ALA A 296 -9.43 8.08 -9.97
CA ALA A 296 -10.47 9.09 -10.19
C ALA A 296 -11.84 8.56 -9.77
N ASN A 297 -12.18 7.35 -10.20
CA ASN A 297 -13.46 6.72 -9.85
C ASN A 297 -13.55 6.49 -8.33
N ASN A 298 -12.47 6.10 -7.67
CA ASN A 298 -12.48 5.97 -6.18
C ASN A 298 -12.73 7.32 -5.49
N ILE A 299 -12.21 8.42 -6.03
CA ILE A 299 -12.48 9.78 -5.50
C ILE A 299 -13.96 10.06 -5.64
N ALA A 300 -14.51 9.88 -6.84
CA ALA A 300 -15.93 10.18 -7.11
C ALA A 300 -16.83 9.33 -6.19
N ALA A 301 -16.47 8.07 -5.97
CA ALA A 301 -17.26 7.15 -5.13
C ALA A 301 -17.25 7.64 -3.68
N LEU A 302 -16.08 8.07 -3.19
CA LEU A 302 -15.96 8.51 -1.80
C LEU A 302 -16.73 9.80 -1.60
N ALA A 303 -16.60 10.77 -2.52
CA ALA A 303 -17.36 12.03 -2.40
C ALA A 303 -18.87 11.73 -2.45
N ALA A 304 -19.30 10.82 -3.30
CA ALA A 304 -20.72 10.44 -3.39
C ALA A 304 -21.12 9.84 -2.03
N ARG A 305 -20.31 8.98 -1.46
CA ARG A 305 -20.70 8.42 -0.13
C ARG A 305 -20.76 9.50 0.96
N MET A 306 -19.71 10.30 1.10
CA MET A 306 -19.58 11.25 2.19
C MET A 306 -20.59 12.39 2.06
N TYR A 307 -20.99 12.76 0.83
CA TYR A 307 -21.69 14.05 0.65
C TYR A 307 -23.00 13.88 -0.13
N LYS A 308 -23.29 12.73 -0.69
CA LYS A 308 -24.52 12.42 -1.45
C LYS A 308 -24.72 13.44 -2.58
N PHE A 309 -23.63 13.96 -3.17
CA PHE A 309 -23.72 14.55 -4.53
C PHE A 309 -23.97 13.43 -5.53
N PRO A 310 -24.76 13.68 -6.58
CA PRO A 310 -24.92 12.69 -7.63
C PRO A 310 -23.56 12.36 -8.26
N VAL A 311 -23.26 11.08 -8.37
CA VAL A 311 -21.94 10.63 -8.86
C VAL A 311 -21.67 11.19 -10.28
N GLN A 312 -22.70 11.36 -11.13
CA GLN A 312 -22.53 11.86 -12.51
C GLN A 312 -21.94 13.28 -12.42
N ASP A 313 -22.38 14.09 -11.45
CA ASP A 313 -21.89 15.48 -11.35
C ASP A 313 -20.43 15.44 -10.88
N LEU A 314 -20.08 14.47 -10.01
CA LEU A 314 -18.68 14.37 -9.57
C LEU A 314 -17.80 13.92 -10.73
N VAL A 315 -18.28 13.01 -11.58
CA VAL A 315 -17.49 12.57 -12.76
C VAL A 315 -17.17 13.77 -13.66
N LYS A 316 -18.09 14.71 -13.80
CA LYS A 316 -17.94 15.91 -14.66
C LYS A 316 -16.89 16.88 -14.10
N THR A 317 -16.35 16.67 -12.90
CA THR A 317 -15.24 17.50 -12.39
C THR A 317 -13.87 17.02 -12.95
N PHE A 318 -13.79 15.85 -13.55
CA PHE A 318 -12.53 15.27 -14.03
C PHE A 318 -12.28 15.59 -15.49
N TYR A 319 -11.04 15.99 -15.75
CA TYR A 319 -10.48 16.23 -17.11
C TYR A 319 -9.30 15.29 -17.29
N LEU A 320 -9.53 14.24 -18.05
CA LEU A 320 -8.57 13.14 -18.21
C LEU A 320 -7.62 13.47 -19.36
N VAL A 321 -6.32 13.31 -19.12
CA VAL A 321 -5.26 13.58 -20.13
C VAL A 321 -4.46 12.29 -20.36
N ASP A 322 -4.55 11.75 -21.56
CA ASP A 322 -3.75 10.60 -22.02
C ASP A 322 -2.59 11.13 -22.91
N THR A 323 -1.80 10.23 -23.51
CA THR A 323 -0.58 10.62 -24.29
C THR A 323 -0.99 11.50 -25.49
N LYS A 324 -2.23 11.39 -25.99
CA LYS A 324 -2.69 12.24 -27.12
C LYS A 324 -3.14 13.62 -26.67
N GLY A 325 -3.62 13.78 -25.43
CA GLY A 325 -4.12 15.07 -24.94
C GLY A 325 -5.39 14.89 -24.12
N LEU A 326 -6.24 15.90 -24.12
CA LEU A 326 -7.48 15.86 -23.32
C LEU A 326 -8.37 14.81 -23.92
N VAL A 327 -8.85 13.90 -23.10
CA VAL A 327 -9.78 12.84 -23.56
C VAL A 327 -11.15 13.46 -23.71
N THR A 328 -11.68 13.39 -24.93
CA THR A 328 -12.98 13.97 -25.30
C THR A 328 -13.66 13.01 -26.28
N THR A 329 -14.97 13.18 -26.39
CA THR A 329 -15.86 12.32 -27.21
C THR A 329 -15.77 12.80 -28.66
N THR A 330 -15.07 13.90 -28.90
CA THR A 330 -15.11 14.62 -30.21
C THR A 330 -13.74 14.61 -30.87
N ARG A 331 -12.72 13.99 -30.29
CA ARG A 331 -11.34 14.23 -30.80
C ARG A 331 -10.99 13.24 -31.90
N GLY A 332 -11.87 12.27 -32.20
CA GLY A 332 -11.84 11.51 -33.47
C GLY A 332 -11.32 10.10 -33.32
N ASP A 333 -10.83 9.69 -32.15
CA ASP A 333 -10.24 8.33 -31.97
C ASP A 333 -11.28 7.41 -31.32
N GLN A 334 -11.02 6.10 -31.31
CA GLN A 334 -11.81 5.06 -30.62
C GLN A 334 -11.23 4.88 -29.21
N LEU A 335 -11.93 5.32 -28.17
CA LEU A 335 -11.34 5.36 -26.81
C LEU A 335 -11.31 3.96 -26.20
N ALA A 336 -10.22 3.60 -25.52
CA ALA A 336 -10.18 2.44 -24.59
C ALA A 336 -11.35 2.54 -23.61
N ALA A 337 -11.96 1.41 -23.25
CA ALA A 337 -13.17 1.33 -22.41
C ALA A 337 -13.02 2.20 -21.14
N HIS A 338 -11.88 2.12 -20.46
CA HIS A 338 -11.72 2.82 -19.16
C HIS A 338 -11.69 4.34 -19.38
N LYS A 339 -11.37 4.82 -20.59
CA LYS A 339 -11.27 6.30 -20.80
C LYS A 339 -12.63 6.91 -21.11
N LYS A 340 -13.62 6.12 -21.58
CA LYS A 340 -14.93 6.65 -22.06
C LYS A 340 -15.72 7.33 -20.95
N LEU A 341 -15.73 6.78 -19.75
CA LEU A 341 -16.63 7.31 -18.69
C LEU A 341 -16.14 8.67 -18.19
N LEU A 342 -14.84 9.02 -18.34
CA LEU A 342 -14.29 10.36 -17.96
C LEU A 342 -14.11 11.24 -19.19
N ALA A 343 -14.46 10.78 -20.38
CA ALA A 343 -14.29 11.62 -21.58
C ALA A 343 -15.18 12.86 -21.47
N ARG A 344 -14.64 14.03 -21.83
CA ARG A 344 -15.45 15.27 -21.90
C ARG A 344 -16.51 15.13 -23.02
N THR A 345 -17.73 15.52 -22.73
CA THR A 345 -18.84 15.59 -23.71
C THR A 345 -19.07 17.06 -24.10
N ASP A 346 -18.34 18.00 -23.47
CA ASP A 346 -18.63 19.44 -23.50
C ASP A 346 -17.52 20.18 -24.28
N VAL A 347 -16.70 19.47 -25.02
CA VAL A 347 -15.57 20.07 -25.78
C VAL A 347 -15.75 19.72 -27.25
N SER A 348 -15.69 20.73 -28.11
CA SER A 348 -15.85 20.56 -29.58
C SER A 348 -14.64 19.82 -30.17
N ALA A 349 -14.82 19.24 -31.35
CA ALA A 349 -13.75 18.59 -32.15
C ALA A 349 -12.65 19.63 -32.41
N GLU A 350 -13.03 20.86 -32.71
CA GLU A 350 -12.09 21.95 -33.08
C GLU A 350 -11.22 22.29 -31.85
N ASP A 351 -11.84 22.40 -30.67
CA ASP A 351 -11.10 22.64 -29.39
C ASP A 351 -10.27 21.41 -29.04
N SER A 352 -10.80 20.19 -29.20
CA SER A 352 -10.00 18.97 -28.94
C SER A 352 -8.65 19.01 -29.69
N ALA A 353 -8.65 19.42 -30.97
CA ALA A 353 -7.45 19.42 -31.85
C ALA A 353 -6.39 20.36 -31.27
N LYS A 354 -6.82 21.33 -30.46
CA LYS A 354 -5.96 22.38 -29.89
C LYS A 354 -5.72 22.09 -28.40
N LEU A 355 -5.97 20.86 -27.93
CA LEU A 355 -5.82 20.47 -26.49
C LEU A 355 -4.95 19.21 -26.39
N ARG A 356 -3.69 19.36 -26.77
CA ARG A 356 -2.72 18.25 -26.85
C ARG A 356 -1.65 18.40 -25.78
N THR A 357 -1.02 19.58 -25.67
CA THR A 357 0.09 19.77 -24.70
C THR A 357 -0.56 20.01 -23.35
N LEU A 358 0.10 19.61 -22.27
CA LEU A 358 -0.46 19.85 -20.93
C LEU A 358 -0.64 21.34 -20.69
N GLU A 359 0.31 22.18 -21.12
CA GLU A 359 0.21 23.64 -20.89
C GLU A 359 -1.08 24.20 -21.49
N GLU A 360 -1.42 23.88 -22.75
CA GLU A 360 -2.63 24.49 -23.38
C GLU A 360 -3.90 23.88 -22.74
N ILE A 361 -3.83 22.61 -22.36
CA ILE A 361 -4.97 21.91 -21.69
C ILE A 361 -5.26 22.63 -20.38
N VAL A 362 -4.22 22.88 -19.59
CA VAL A 362 -4.39 23.62 -18.31
C VAL A 362 -4.94 25.04 -18.57
N ARG A 363 -4.46 25.75 -19.59
CA ARG A 363 -4.92 27.13 -19.87
C ARG A 363 -6.43 27.13 -20.20
N PHE A 364 -6.88 26.09 -20.91
CA PHE A 364 -8.28 25.97 -21.40
C PHE A 364 -9.24 25.52 -20.28
N VAL A 365 -8.85 24.45 -19.57
CA VAL A 365 -9.65 23.77 -18.51
C VAL A 365 -9.76 24.68 -17.29
N LYS A 366 -8.70 25.41 -16.96
CA LYS A 366 -8.70 26.31 -15.79
C LYS A 366 -8.87 25.42 -14.54
N PRO A 367 -7.99 24.43 -14.33
CA PRO A 367 -8.14 23.48 -13.22
C PRO A 367 -7.79 24.07 -11.85
N THR A 368 -8.38 23.49 -10.80
CA THR A 368 -8.09 23.82 -9.39
C THR A 368 -7.22 22.72 -8.75
N THR A 369 -7.12 21.56 -9.38
CA THR A 369 -6.35 20.39 -8.95
C THR A 369 -5.55 19.82 -10.10
N LEU A 370 -4.30 19.42 -9.83
CA LEU A 370 -3.50 18.61 -10.75
C LEU A 370 -3.17 17.30 -10.09
N LEU A 371 -3.70 16.21 -10.62
CA LEU A 371 -3.42 14.84 -10.16
C LEU A 371 -2.36 14.23 -11.08
N GLY A 372 -1.14 14.03 -10.57
CA GLY A 372 -0.03 13.45 -11.34
C GLY A 372 -0.01 11.93 -11.23
N LEU A 373 -0.52 11.23 -12.25
CA LEU A 373 -0.54 9.74 -12.36
C LEU A 373 0.07 9.35 -13.72
N GLY A 374 1.03 10.14 -14.22
CA GLY A 374 1.48 10.14 -15.63
C GLY A 374 2.67 9.22 -15.87
N GLY A 375 3.60 9.14 -14.92
CA GLY A 375 4.80 8.27 -15.00
C GLY A 375 5.78 8.70 -16.09
N VAL A 376 5.86 9.99 -16.43
CA VAL A 376 6.70 10.49 -17.56
C VAL A 376 7.54 11.69 -17.12
N GLY A 377 7.81 11.83 -15.81
CA GLY A 377 8.66 12.92 -15.30
C GLY A 377 7.90 14.20 -14.97
N PRO A 378 8.64 15.35 -14.87
CA PRO A 378 8.15 16.58 -14.24
C PRO A 378 7.29 17.47 -15.17
N ALA A 379 6.14 16.94 -15.59
CA ALA A 379 5.12 17.62 -16.44
C ALA A 379 4.54 18.84 -15.75
N PHE A 380 4.45 18.93 -14.41
CA PHE A 380 3.82 20.12 -13.79
C PHE A 380 4.89 21.21 -13.65
N THR A 381 5.09 22.00 -14.72
CA THR A 381 6.06 23.12 -14.83
C THR A 381 5.66 24.30 -13.95
N GLU A 382 6.60 25.23 -13.68
CA GLU A 382 6.29 26.54 -13.05
C GLU A 382 5.12 27.24 -13.75
N GLU A 383 5.09 27.26 -15.10
CA GLU A 383 4.05 27.99 -15.86
C GLU A 383 2.68 27.36 -15.55
N ILE A 384 2.66 26.04 -15.52
CA ILE A 384 1.41 25.28 -15.28
C ILE A 384 0.95 25.55 -13.83
N VAL A 385 1.84 25.49 -12.85
CA VAL A 385 1.46 25.70 -11.44
C VAL A 385 0.96 27.14 -11.27
N LYS A 386 1.61 28.10 -11.93
CA LYS A 386 1.24 29.54 -11.90
C LYS A 386 -0.17 29.75 -12.49
N MET A 387 -0.53 29.01 -13.52
CA MET A 387 -1.90 29.08 -14.10
C MET A 387 -2.91 28.56 -13.08
N VAL A 388 -2.64 27.47 -12.36
CA VAL A 388 -3.61 26.95 -11.37
C VAL A 388 -3.88 28.00 -10.28
N MET A 389 -2.86 28.79 -9.89
CA MET A 389 -3.00 29.89 -8.89
C MET A 389 -4.01 30.94 -9.37
N GLN A 390 -4.26 31.02 -10.68
CA GLN A 390 -5.28 31.93 -11.25
C GLN A 390 -6.69 31.41 -10.93
N ASN A 391 -6.89 30.10 -10.71
CA ASN A 391 -8.23 29.45 -10.64
C ASN A 391 -8.67 29.15 -9.18
N THR A 392 -7.72 29.19 -8.23
CA THR A 392 -7.94 28.86 -6.81
C THR A 392 -6.84 29.53 -5.98
N GLU A 393 -7.18 29.84 -4.74
CA GLU A 393 -6.22 30.36 -3.75
C GLU A 393 -5.33 29.23 -3.20
N ARG A 394 -5.80 27.97 -3.30
CA ARG A 394 -5.06 26.80 -2.75
C ARG A 394 -5.06 25.69 -3.79
N PRO A 395 -4.14 25.75 -4.77
CA PRO A 395 -3.96 24.68 -5.73
C PRO A 395 -3.74 23.36 -4.99
N ILE A 396 -4.47 22.33 -5.40
CA ILE A 396 -4.20 20.95 -4.95
C ILE A 396 -3.31 20.26 -5.99
N ILE A 397 -2.10 19.87 -5.59
CA ILE A 397 -1.08 19.33 -6.51
C ILE A 397 -0.57 18.00 -5.96
N PHE A 398 -0.94 16.90 -6.59
CA PHE A 398 -0.59 15.53 -6.14
C PHE A 398 0.34 14.86 -7.15
N PRO A 399 1.68 15.04 -7.03
CA PRO A 399 2.65 14.30 -7.85
C PRO A 399 2.84 12.89 -7.33
N LEU A 400 2.08 11.95 -7.84
CA LEU A 400 2.05 10.58 -7.26
C LEU A 400 2.88 9.59 -8.08
N SER A 401 3.41 9.95 -9.25
CA SER A 401 4.23 9.00 -10.06
C SER A 401 5.53 8.64 -9.33
N ASN A 402 5.92 7.36 -9.40
CA ASN A 402 7.05 6.74 -8.64
C ASN A 402 8.05 6.20 -9.66
N PRO A 403 9.39 6.25 -9.39
CA PRO A 403 9.94 6.88 -8.18
C PRO A 403 10.05 8.39 -8.39
N THR A 404 10.66 9.09 -7.43
CA THR A 404 10.71 10.57 -7.34
C THR A 404 11.18 11.22 -8.65
N SER A 405 11.92 10.51 -9.51
CA SER A 405 12.42 11.01 -10.82
C SER A 405 11.31 11.04 -11.88
N LYS A 406 10.35 10.12 -11.78
CA LYS A 406 9.15 10.09 -12.64
C LYS A 406 8.10 11.11 -12.18
N ALA A 407 8.28 11.75 -11.01
CA ALA A 407 7.24 12.59 -10.34
C ALA A 407 6.98 13.91 -11.08
N GLU A 408 5.74 14.40 -11.04
CA GLU A 408 5.30 15.52 -11.90
C GLU A 408 5.90 16.86 -11.44
N VAL A 409 6.26 16.96 -10.18
CA VAL A 409 6.76 18.20 -9.57
C VAL A 409 7.33 17.79 -8.20
N THR A 410 8.36 18.50 -7.71
CA THR A 410 8.81 18.31 -6.33
C THR A 410 7.85 19.06 -5.43
N PRO A 411 7.57 18.57 -4.19
CA PRO A 411 6.81 19.39 -3.25
C PRO A 411 7.51 20.75 -3.01
N GLU A 412 8.84 20.77 -2.91
CA GLU A 412 9.57 22.05 -2.72
C GLU A 412 9.19 23.06 -3.82
N ASN A 413 9.24 22.68 -5.10
CA ASN A 413 8.87 23.58 -6.23
C ASN A 413 7.39 23.95 -6.13
N ALA A 414 6.53 22.99 -5.79
CA ALA A 414 5.09 23.29 -5.69
C ALA A 414 4.85 24.40 -4.67
N TYR A 415 5.48 24.33 -3.49
CA TYR A 415 5.31 25.32 -2.41
C TYR A 415 6.01 26.62 -2.82
N LYS A 416 7.20 26.52 -3.41
CA LYS A 416 7.97 27.75 -3.78
C LYS A 416 7.12 28.54 -4.79
N TRP A 417 6.65 27.85 -5.84
CA TRP A 417 5.98 28.55 -6.97
C TRP A 417 4.61 29.13 -6.55
N THR A 418 3.96 28.60 -5.51
CA THR A 418 2.68 29.11 -4.96
C THR A 418 2.86 29.90 -3.66
N ASN A 419 4.09 30.20 -3.25
CA ASN A 419 4.37 30.94 -2.00
C ASN A 419 3.70 30.21 -0.83
N GLY A 420 3.66 28.87 -0.88
CA GLY A 420 3.11 28.06 0.22
C GLY A 420 1.63 27.81 0.16
N ALA A 421 0.94 28.19 -0.93
CA ALA A 421 -0.51 27.97 -1.07
C ALA A 421 -0.82 26.52 -1.49
N ALA A 422 0.10 25.83 -2.12
CA ALA A 422 -0.20 24.50 -2.73
C ALA A 422 -0.50 23.53 -1.59
N ILE A 423 -1.49 22.67 -1.82
CA ILE A 423 -1.80 21.54 -0.90
C ILE A 423 -1.27 20.30 -1.61
N VAL A 424 -0.27 19.64 -1.04
CA VAL A 424 0.51 18.61 -1.75
C VAL A 424 0.43 17.28 -1.02
N ALA A 425 0.22 16.22 -1.78
CA ALA A 425 0.40 14.81 -1.35
C ALA A 425 1.33 14.13 -2.32
N SER A 426 2.15 13.24 -1.81
CA SER A 426 3.22 12.50 -2.52
C SER A 426 3.02 11.01 -2.30
N GLY A 427 3.52 10.18 -3.22
CA GLY A 427 3.70 8.74 -2.97
C GLY A 427 4.85 8.49 -2.00
N SER A 428 5.86 9.36 -2.05
CA SER A 428 7.17 9.25 -1.33
C SER A 428 7.29 10.30 -0.22
N PRO A 429 8.14 10.03 0.80
CA PRO A 429 8.36 10.98 1.89
C PRO A 429 9.27 12.11 1.38
N PHE A 430 9.04 13.34 1.85
CA PHE A 430 9.92 14.51 1.55
C PHE A 430 10.17 15.28 2.83
N PRO A 431 11.35 15.96 2.91
CA PRO A 431 11.63 16.83 4.05
C PRO A 431 10.72 18.05 4.02
N PRO A 432 10.56 18.75 5.15
CA PRO A 432 9.79 19.98 5.17
C PRO A 432 10.45 21.05 4.29
N THR A 433 9.64 21.95 3.77
CA THR A 433 10.06 23.17 3.02
C THR A 433 9.69 24.39 3.83
N THR A 434 10.64 25.33 4.03
CA THR A 434 10.39 26.59 4.74
C THR A 434 10.47 27.74 3.74
N ILE A 435 9.42 28.52 3.72
CA ILE A 435 9.20 29.74 2.89
C ILE A 435 8.86 30.89 3.82
N GLY A 436 9.76 31.87 3.88
CA GLY A 436 9.46 33.09 4.65
C GLY A 436 9.20 32.75 6.10
N GLY A 437 9.94 31.78 6.63
CA GLY A 437 9.85 31.33 8.05
C GLY A 437 8.64 30.46 8.33
N LYS A 438 7.83 30.13 7.32
CA LYS A 438 6.64 29.27 7.49
C LYS A 438 6.99 27.91 6.93
N THR A 439 6.63 26.83 7.63
CA THR A 439 7.06 25.49 7.20
C THR A 439 5.87 24.72 6.58
N PHE A 440 6.20 24.00 5.52
CA PHE A 440 5.25 23.16 4.74
C PHE A 440 5.85 21.79 4.60
N LYS A 441 5.00 20.74 4.64
CA LYS A 441 5.49 19.36 4.43
C LYS A 441 4.37 18.62 3.72
N PRO A 442 4.69 17.88 2.65
CA PRO A 442 3.65 17.21 1.88
C PRO A 442 3.12 16.06 2.72
N SER A 443 1.87 15.71 2.47
CA SER A 443 1.21 14.53 3.05
C SER A 443 1.53 13.30 2.20
N GLN A 444 2.10 12.26 2.80
CA GLN A 444 2.47 11.03 2.04
C GLN A 444 1.26 10.08 2.07
N GLY A 445 0.69 9.77 0.92
CA GLY A 445 -0.42 8.80 0.79
C GLY A 445 0.13 7.38 0.78
N ASN A 446 0.71 6.93 1.90
CA ASN A 446 1.32 5.58 1.98
C ASN A 446 0.21 4.54 2.02
N ASN A 447 0.40 3.47 1.21
CA ASN A 447 -0.57 2.36 1.23
C ASN A 447 -0.71 1.74 2.63
N LEU A 448 0.29 1.87 3.49
CA LEU A 448 0.19 1.35 4.88
C LEU A 448 -1.03 1.87 5.62
N TYR A 449 -1.58 3.03 5.24
CA TYR A 449 -2.79 3.53 5.92
C TYR A 449 -3.98 2.56 5.83
N VAL A 450 -4.09 1.77 4.76
CA VAL A 450 -5.33 1.01 4.48
C VAL A 450 -5.14 -0.51 4.57
N PHE A 451 -4.18 -1.11 3.84
CA PHE A 451 -4.16 -2.59 3.77
C PHE A 451 -4.09 -3.23 5.15
N PRO A 452 -3.32 -2.74 6.14
CA PRO A 452 -3.26 -3.49 7.40
C PRO A 452 -4.63 -3.57 8.13
N GLY A 453 -5.36 -2.46 8.14
CA GLY A 453 -6.70 -2.36 8.74
C GLY A 453 -7.70 -3.19 7.95
N VAL A 454 -7.58 -3.25 6.61
CA VAL A 454 -8.45 -4.19 5.83
C VAL A 454 -8.12 -5.61 6.25
N GLY A 455 -6.84 -5.97 6.34
CA GLY A 455 -6.45 -7.31 6.82
C GLY A 455 -6.95 -7.68 8.21
N LEU A 456 -6.82 -6.78 9.17
CA LEU A 456 -7.28 -6.99 10.55
C LEU A 456 -8.80 -7.08 10.56
N GLY A 457 -9.46 -6.17 9.86
CA GLY A 457 -10.93 -6.26 9.73
C GLY A 457 -11.40 -7.58 9.16
N CYS A 458 -10.80 -8.07 8.06
CA CYS A 458 -11.21 -9.29 7.34
C CYS A 458 -10.79 -10.45 8.29
N ALA A 459 -9.67 -10.39 9.02
CA ALA A 459 -9.27 -11.45 9.99
C ALA A 459 -10.28 -11.61 11.12
N LEU A 460 -10.83 -10.52 11.67
CA LEU A 460 -11.82 -10.60 12.76
C LEU A 460 -13.21 -10.99 12.20
N ALA A 461 -13.72 -10.28 11.19
CA ALA A 461 -15.10 -10.49 10.72
C ALA A 461 -15.21 -11.79 9.93
N GLN A 462 -14.11 -12.28 9.31
CA GLN A 462 -14.13 -13.47 8.43
C GLN A 462 -15.25 -13.31 7.42
N PRO A 463 -15.23 -12.24 6.60
CA PRO A 463 -16.26 -12.08 5.58
C PRO A 463 -16.15 -13.14 4.48
N THR A 464 -17.26 -13.41 3.79
CA THR A 464 -17.27 -14.38 2.68
C THR A 464 -16.35 -13.90 1.57
N HIS A 465 -16.32 -12.60 1.33
CA HIS A 465 -15.48 -11.97 0.28
C HIS A 465 -15.27 -10.53 0.73
N ILE A 466 -14.50 -9.78 -0.06
CA ILE A 466 -14.19 -8.36 0.15
C ILE A 466 -14.77 -7.58 -1.02
N PRO A 467 -16.07 -7.19 -0.91
CA PRO A 467 -16.68 -6.36 -1.92
C PRO A 467 -16.14 -4.94 -1.83
N GLU A 468 -16.38 -4.19 -2.90
CA GLU A 468 -15.91 -2.80 -3.03
C GLU A 468 -16.40 -1.96 -1.84
N GLU A 469 -17.57 -2.28 -1.29
CA GLU A 469 -18.10 -1.54 -0.09
C GLU A 469 -17.05 -1.54 1.03
N LEU A 470 -16.33 -2.63 1.28
CA LEU A 470 -15.37 -2.67 2.42
C LEU A 470 -14.19 -1.72 2.12
N LEU A 471 -13.72 -1.67 0.88
CA LEU A 471 -12.61 -0.72 0.54
C LEU A 471 -13.11 0.72 0.69
N LEU A 472 -14.33 1.03 0.23
CA LEU A 472 -14.83 2.43 0.27
C LEU A 472 -15.00 2.84 1.75
N THR A 473 -15.50 1.94 2.57
CA THR A 473 -15.61 2.17 4.02
C THR A 473 -14.24 2.43 4.63
N ALA A 474 -13.20 1.67 4.24
CA ALA A 474 -11.82 1.90 4.75
C ALA A 474 -11.33 3.28 4.33
N SER A 475 -11.64 3.67 3.11
CA SER A 475 -11.25 4.98 2.54
C SER A 475 -11.88 6.09 3.42
N GLU A 476 -13.18 6.00 3.63
CA GLU A 476 -13.93 7.01 4.42
C GLU A 476 -13.39 7.05 5.86
N SER A 477 -13.17 5.89 6.47
CA SER A 477 -12.65 5.76 7.85
C SER A 477 -11.33 6.53 7.93
N LEU A 478 -10.47 6.32 6.98
CA LEU A 478 -9.14 6.99 6.96
C LEU A 478 -9.32 8.50 6.84
N ASN A 479 -10.17 8.93 5.91
CA ASN A 479 -10.45 10.37 5.75
C ASN A 479 -10.89 11.00 7.07
N LEU A 480 -11.78 10.33 7.78
CA LEU A 480 -12.44 10.85 8.99
C LEU A 480 -11.50 10.81 10.21
N LEU A 481 -10.41 10.06 10.13
CA LEU A 481 -9.39 9.97 11.21
C LEU A 481 -8.55 11.23 11.21
N THR A 482 -8.55 12.02 10.12
CA THR A 482 -7.77 13.27 10.08
C THR A 482 -8.54 14.26 10.99
N THR A 483 -7.93 14.60 12.12
CA THR A 483 -8.56 15.44 13.17
C THR A 483 -8.62 16.91 12.74
N GLU A 484 -9.47 17.68 13.43
CA GLU A 484 -9.49 19.16 13.21
C GLU A 484 -8.07 19.72 13.36
N GLY A 485 -7.36 19.25 14.39
CA GLY A 485 -5.96 19.64 14.67
C GLY A 485 -5.05 19.31 13.49
N ASP A 486 -5.12 18.07 13.01
CA ASP A 486 -4.30 17.55 11.86
C ASP A 486 -4.56 18.56 10.71
N LEU A 487 -5.83 18.82 10.43
CA LEU A 487 -6.24 19.64 9.27
C LEU A 487 -5.74 21.08 9.43
N ARG A 488 -5.76 21.60 10.66
CA ARG A 488 -5.34 23.00 10.93
C ARG A 488 -3.83 23.11 10.64
N GLU A 489 -3.06 22.03 10.76
CA GLU A 489 -1.60 22.06 10.46
C GLU A 489 -1.33 21.61 9.00
N GLY A 490 -2.39 21.41 8.19
CA GLY A 490 -2.31 21.16 6.73
C GLY A 490 -2.14 19.69 6.38
N ARG A 491 -2.30 18.80 7.36
CA ARG A 491 -2.10 17.33 7.13
C ARG A 491 -3.37 16.78 6.49
N LEU A 492 -3.22 15.86 5.55
CA LEU A 492 -4.37 15.24 4.86
C LEU A 492 -4.70 13.88 5.42
N TYR A 493 -3.80 13.31 6.23
CA TYR A 493 -3.95 11.98 6.85
C TYR A 493 -3.60 12.08 8.31
N PRO A 494 -4.10 11.16 9.13
CA PRO A 494 -3.60 11.02 10.48
C PRO A 494 -2.15 10.63 10.38
N PRO A 495 -1.38 10.86 11.44
CA PRO A 495 0.07 10.65 11.33
C PRO A 495 0.44 9.16 11.22
N LEU A 496 1.40 8.86 10.37
CA LEU A 496 1.81 7.47 10.13
C LEU A 496 2.24 6.78 11.44
N GLU A 497 2.86 7.51 12.37
CA GLU A 497 3.37 6.90 13.62
C GLU A 497 2.22 6.28 14.43
N ASP A 498 0.97 6.76 14.20
CA ASP A 498 -0.22 6.32 14.95
C ASP A 498 -0.88 5.15 14.22
N ILE A 499 -0.12 4.40 13.43
CA ILE A 499 -0.70 3.36 12.53
C ILE A 499 -1.50 2.33 13.35
N HIS A 500 -1.15 1.91 14.60
CA HIS A 500 -1.99 0.94 15.31
C HIS A 500 -3.44 1.47 15.51
N ASN A 501 -3.59 2.69 16.01
CA ASN A 501 -4.90 3.32 16.22
C ASN A 501 -5.61 3.46 14.86
N ILE A 502 -4.88 3.90 13.83
CA ILE A 502 -5.46 4.02 12.48
C ILE A 502 -6.04 2.67 12.07
N SER A 503 -5.22 1.61 12.09
CA SER A 503 -5.65 0.27 11.66
C SER A 503 -6.83 -0.20 12.50
N ALA A 504 -6.80 0.04 13.82
CA ALA A 504 -7.91 -0.43 14.67
C ALA A 504 -9.22 0.20 14.20
N ASN A 505 -9.18 1.49 13.86
CA ASN A 505 -10.38 2.25 13.41
C ASN A 505 -10.80 1.78 12.02
N VAL A 506 -9.87 1.67 11.08
CA VAL A 506 -10.21 1.17 9.72
C VAL A 506 -10.84 -0.21 9.89
N ALA A 507 -10.22 -1.09 10.69
CA ALA A 507 -10.71 -2.47 10.83
C ALA A 507 -12.13 -2.45 11.41
N THR A 508 -12.34 -1.60 12.39
CA THR A 508 -13.66 -1.46 13.07
C THR A 508 -14.73 -1.14 12.01
N ASP A 509 -14.48 -0.12 11.21
CA ASP A 509 -15.45 0.36 10.20
C ASP A 509 -15.67 -0.70 9.13
N VAL A 510 -14.59 -1.40 8.73
CA VAL A 510 -14.70 -2.50 7.75
C VAL A 510 -15.61 -3.60 8.33
N ILE A 511 -15.43 -3.95 9.58
CA ILE A 511 -16.25 -5.00 10.24
C ILE A 511 -17.72 -4.55 10.26
N LEU A 512 -17.97 -3.36 10.69
CA LEU A 512 -19.38 -2.86 10.76
C LEU A 512 -20.01 -2.96 9.37
N GLU A 513 -19.26 -2.61 8.30
CA GLU A 513 -19.79 -2.73 6.91
C GLU A 513 -20.07 -4.20 6.59
N ALA A 514 -19.14 -5.13 6.90
CA ALA A 514 -19.36 -6.57 6.68
C ALA A 514 -20.62 -7.01 7.45
N GLN A 515 -20.82 -6.50 8.68
CA GLN A 515 -22.01 -6.85 9.52
C GLN A 515 -23.28 -6.31 8.85
N ARG A 516 -23.26 -5.07 8.36
CA ARG A 516 -24.45 -4.49 7.68
C ARG A 516 -24.77 -5.33 6.43
N MET A 517 -23.77 -5.83 5.68
CA MET A 517 -23.98 -6.65 4.45
C MET A 517 -24.28 -8.13 4.76
N LYS A 518 -24.17 -8.55 6.03
CA LYS A 518 -24.43 -9.96 6.48
C LYS A 518 -23.48 -10.91 5.74
N ILE A 519 -22.23 -10.51 5.57
CA ILE A 519 -21.18 -11.36 4.95
C ILE A 519 -20.17 -11.79 6.02
N ASP A 520 -20.31 -11.31 7.26
CA ASP A 520 -19.40 -11.63 8.40
C ASP A 520 -19.67 -13.08 8.88
N ASN A 521 -18.64 -13.91 9.01
CA ASN A 521 -18.85 -15.31 9.50
C ASN A 521 -18.57 -15.37 11.00
N ASN A 522 -17.83 -14.41 11.56
CA ASN A 522 -17.50 -14.39 13.00
C ASN A 522 -18.58 -13.63 13.80
N LYS A 523 -19.46 -14.36 14.48
CA LYS A 523 -20.64 -13.80 15.21
C LYS A 523 -20.26 -13.45 16.66
N LYS A 524 -19.00 -13.60 17.05
CA LYS A 524 -18.59 -13.27 18.45
C LYS A 524 -18.37 -11.75 18.64
N LEU A 525 -18.33 -10.97 17.57
CA LEU A 525 -17.87 -9.56 17.62
C LEU A 525 -18.99 -8.64 18.06
N PRO A 526 -18.65 -7.58 18.80
CA PRO A 526 -19.62 -6.51 19.08
C PRO A 526 -20.12 -5.91 17.75
N ARG A 527 -21.32 -5.31 17.78
CA ARG A 527 -21.96 -4.75 16.56
C ARG A 527 -22.16 -3.24 16.69
N THR A 528 -21.62 -2.63 17.75
CA THR A 528 -21.66 -1.17 17.97
C THR A 528 -20.25 -0.63 17.99
N ARG A 529 -20.06 0.58 17.44
CA ARG A 529 -18.68 1.05 17.10
C ARG A 529 -17.78 1.13 18.35
N ASP A 530 -18.21 1.74 19.46
CA ASP A 530 -17.27 1.97 20.59
C ASP A 530 -16.82 0.62 21.15
N GLU A 531 -17.76 -0.30 21.33
CA GLU A 531 -17.41 -1.59 21.98
C GLU A 531 -16.55 -2.42 20.99
N LEU A 532 -16.84 -2.32 19.69
CA LEU A 532 -16.07 -3.05 18.64
C LEU A 532 -14.64 -2.53 18.61
N LEU A 533 -14.47 -1.22 18.59
CA LEU A 533 -13.13 -0.60 18.47
C LEU A 533 -12.28 -1.06 19.66
N ALA A 534 -12.83 -1.08 20.88
CA ALA A 534 -12.12 -1.60 22.07
C ALA A 534 -11.74 -3.06 21.88
N PHE A 535 -12.65 -3.89 21.36
CA PHE A 535 -12.42 -5.31 21.08
C PHE A 535 -11.31 -5.52 20.06
N VAL A 536 -11.32 -4.74 18.99
CA VAL A 536 -10.31 -4.82 17.91
C VAL A 536 -8.93 -4.45 18.52
N LYS A 537 -8.86 -3.41 19.32
CA LYS A 537 -7.59 -2.95 19.89
C LYS A 537 -7.01 -4.08 20.75
N LYS A 538 -7.86 -4.74 21.53
CA LYS A 538 -7.40 -5.79 22.45
C LYS A 538 -6.90 -6.99 21.62
N ALA A 539 -7.47 -7.26 20.43
CA ALA A 539 -7.16 -8.43 19.59
C ALA A 539 -5.79 -8.27 18.89
N MET A 540 -5.29 -7.04 18.78
CA MET A 540 -4.04 -6.76 18.06
C MET A 540 -2.82 -7.29 18.81
N TRP A 541 -1.95 -7.94 18.07
CA TRP A 541 -0.60 -8.32 18.58
C TRP A 541 0.21 -7.06 18.80
N LYS A 542 0.87 -6.96 19.94
CA LYS A 542 1.69 -5.77 20.19
C LYS A 542 3.14 -6.19 20.35
N PRO A 543 4.09 -5.38 19.85
CA PRO A 543 5.52 -5.68 19.99
C PRO A 543 6.06 -5.22 21.36
N VAL A 544 5.56 -5.86 22.39
CA VAL A 544 6.04 -5.70 23.80
C VAL A 544 6.26 -7.11 24.33
N TYR A 545 7.12 -7.27 25.31
CA TYR A 545 7.35 -8.60 25.91
C TYR A 545 6.14 -8.94 26.79
N SER A 546 5.59 -10.14 26.63
CA SER A 546 4.50 -10.61 27.51
C SER A 546 4.60 -12.12 27.75
C1 CIT B . 11.43 -19.51 13.23
O1 CIT B . 10.69 -18.73 13.81
O2 CIT B . 12.62 -19.23 12.86
C2 CIT B . 10.78 -20.82 12.81
C3 CIT B . 9.81 -20.68 11.61
O7 CIT B . 10.56 -20.21 10.49
C4 CIT B . 9.19 -22.04 11.31
C5 CIT B . 8.14 -22.08 10.19
O3 CIT B . 8.04 -21.08 9.44
O4 CIT B . 7.46 -23.13 10.06
C6 CIT B . 8.68 -19.67 11.89
O5 CIT B . 7.69 -20.05 12.54
O6 CIT B . 8.83 -18.53 11.42
N1 EPE C . -7.48 -14.12 17.42
C2 EPE C . -6.01 -14.09 17.34
C3 EPE C . -5.63 -12.66 17.05
N4 EPE C . -6.16 -12.28 15.74
C5 EPE C . -7.62 -12.25 15.83
C6 EPE C . -8.14 -13.66 16.19
C7 EPE C . -5.75 -10.88 15.44
C8 EPE C . -4.22 -10.64 15.45
O8 EPE C . -3.52 -11.67 14.71
C9 EPE C . -7.95 -15.48 17.91
C10 EPE C . -9.35 -15.33 18.51
S EPE C . -10.04 -16.85 18.90
O1S EPE C . -8.95 -17.54 19.66
O2S EPE C . -11.30 -16.52 19.62
O3S EPE C . -10.26 -17.64 17.64
N1 SWV D . 14.14 -22.29 4.71
N3 SWV D . 16.25 -22.33 2.94
C4 SWV D . 13.44 -22.39 6.97
C5 SWV D . 15.58 -22.92 6.49
C6 SWV D . 17.17 -22.21 1.87
C7 SWV D . 16.74 -21.60 0.68
C8 SWV D . 17.60 -21.47 -0.39
C10 SWV D . 19.36 -22.46 0.92
C13 SWV D . 21.33 -19.52 3.80
C15 SWV D . 22.82 -18.45 2.29
C17 SWV D . 18.50 -22.64 2.00
O1 SWV D . 17.51 -23.36 4.54
C1 SWV D . 16.48 -22.80 4.18
C2 SWV D . 15.35 -22.65 5.16
C3 SWV D . 13.20 -22.18 5.63
N2 SWV D . 14.63 -22.79 7.42
C9 SWV D . 18.93 -21.88 -0.28
S1 SWV D . 21.04 -23.01 1.05
N4 SWV D . 21.98 -21.74 0.88
C11 SWV D . 22.02 -20.68 1.82
C12 SWV D . 21.26 -20.63 2.98
C14 SWV D . 22.07 -18.43 3.44
C16 SWV D . 22.76 -19.56 1.50
F1 SWV D . 23.46 -19.56 0.36
O2 SWV D . 21.19 -23.82 -0.14
O3 SWV D . 21.20 -23.60 2.35
#